data_1QIN
#
_entry.id   1QIN
#
_cell.length_a   52.700
_cell.length_b   54.500
_cell.length_c   78.900
_cell.angle_alpha   90.00
_cell.angle_beta   98.20
_cell.angle_gamma   90.00
#
_symmetry.space_group_name_H-M   'P 1 21 1'
#
loop_
_entity.id
_entity.type
_entity.pdbx_description
1 polymer 'PROTEIN (LACTOYLGLUTATHIONE LYASE)'
2 non-polymer 'ZINC ION'
3 non-polymer S-(N-HYDROXY-N-IODOPHENYLCARBAMOYL)GLUTATHIONE
4 water water
#
_entity_poly.entity_id   1
_entity_poly.type   'polypeptide(L)'
_entity_poly.pdbx_seq_one_letter_code
;AEPQPPSGGLTDEAALSCCSDADPSTKDFLLQQTMLRVKDPKKSLDFYTRVLGMTLIQKCDFPIMKFSLYFLAYEDKNDI
PKEKDEKIAWALSRKATLELTHNWGTEDDETQSYHNGNSDPRGFGHIGIAVPDVYSACKRFEELGVKFVKKPDDGKMKGL
AFIQDPDGYWIEILNPNKMATLM
;
_entity_poly.pdbx_strand_id   A,B
#
loop_
_chem_comp.id
_chem_comp.type
_chem_comp.name
_chem_comp.formula
GIP non-polymer S-(N-HYDROXY-N-IODOPHENYLCARBAMOYL)GLUTATHIONE 'C17 H23 I N4 O8 S'
ZN non-polymer 'ZINC ION' 'Zn 2'
#
# COMPACT_ATOMS: atom_id res chain seq x y z
N GLY A 8 23.97 -10.15 -11.04
CA GLY A 8 23.87 -8.97 -10.12
C GLY A 8 22.56 -8.24 -10.42
N GLY A 9 22.36 -7.09 -9.81
CA GLY A 9 21.12 -6.34 -10.08
C GLY A 9 21.46 -5.22 -11.07
N LEU A 10 20.53 -4.29 -11.22
CA LEU A 10 20.77 -3.16 -12.10
C LEU A 10 21.78 -2.20 -11.47
N THR A 11 22.60 -1.58 -12.33
CA THR A 11 23.50 -0.54 -11.85
C THR A 11 22.61 0.69 -11.68
N ASP A 12 23.09 1.69 -10.97
CA ASP A 12 22.34 2.93 -10.81
C ASP A 12 22.00 3.55 -12.16
N GLU A 13 23.00 3.61 -13.03
CA GLU A 13 22.90 4.17 -14.37
C GLU A 13 21.86 3.45 -15.21
N ALA A 14 21.86 2.12 -15.21
CA ALA A 14 20.87 1.37 -15.96
C ALA A 14 19.46 1.60 -15.40
N ALA A 15 19.33 1.70 -14.07
CA ALA A 15 18.04 1.95 -13.45
C ALA A 15 17.50 3.31 -13.89
N LEU A 16 18.36 4.33 -13.83
CA LEU A 16 17.98 5.67 -14.26
C LEU A 16 17.59 5.71 -15.73
N SER A 17 18.23 4.89 -16.55
CA SER A 17 17.96 4.78 -17.97
C SER A 17 16.58 4.22 -18.29
N CYS A 18 15.97 3.51 -17.35
CA CYS A 18 14.63 2.96 -17.53
C CYS A 18 13.56 3.93 -17.05
N CYS A 19 13.93 5.05 -16.45
CA CYS A 19 12.94 5.98 -15.94
C CYS A 19 12.66 7.11 -16.93
N SER A 20 11.41 7.49 -17.09
CA SER A 20 11.04 8.61 -17.94
C SER A 20 10.53 9.74 -17.05
N ASP A 21 10.64 10.97 -17.55
CA ASP A 21 10.12 12.11 -16.80
C ASP A 21 8.60 11.98 -16.79
N ALA A 22 7.95 12.55 -15.80
CA ALA A 22 6.51 12.46 -15.65
C ALA A 22 5.76 13.29 -16.69
N ASP A 23 4.89 12.63 -17.45
CA ASP A 23 4.03 13.34 -18.40
C ASP A 23 3.16 14.32 -17.63
N PRO A 24 2.94 15.51 -18.16
CA PRO A 24 2.11 16.53 -17.55
C PRO A 24 0.70 16.11 -17.24
N SER A 25 0.11 15.13 -17.94
CA SER A 25 -1.24 14.68 -17.61
C SER A 25 -1.33 13.82 -16.36
N THR A 26 -0.22 13.53 -15.67
CA THR A 26 -0.21 12.74 -14.46
C THR A 26 0.16 13.61 -13.26
N LYS A 27 0.31 14.93 -13.47
CA LYS A 27 0.76 15.82 -12.43
C LYS A 27 -0.05 15.85 -11.15
N ASP A 28 -1.35 15.59 -11.16
CA ASP A 28 -2.09 15.64 -9.90
C ASP A 28 -2.42 14.23 -9.39
N PHE A 29 -1.84 13.18 -9.97
CA PHE A 29 -2.12 11.83 -9.52
C PHE A 29 -1.58 11.66 -8.09
N LEU A 30 -2.22 10.81 -7.28
CA LEU A 30 -1.71 10.57 -5.93
C LEU A 30 -1.93 9.10 -5.55
N LEU A 31 -1.02 8.59 -4.72
CA LEU A 31 -1.11 7.19 -4.30
C LEU A 31 -2.03 7.16 -3.09
N GLN A 32 -3.27 6.79 -3.35
CA GLN A 32 -4.37 6.95 -2.42
C GLN A 32 -4.61 5.81 -1.46
N GLN A 33 -4.46 4.55 -1.91
CA GLN A 33 -4.83 3.43 -1.07
C GLN A 33 -4.08 2.16 -1.39
N THR A 34 -4.08 1.26 -0.42
CA THR A 34 -3.59 -0.09 -0.49
C THR A 34 -4.74 -0.96 0.02
N MET A 35 -5.16 -1.97 -0.73
CA MET A 35 -6.33 -2.75 -0.30
C MET A 35 -5.91 -4.14 0.16
N LEU A 36 -6.38 -4.53 1.34
CA LEU A 36 -6.16 -5.85 1.90
C LEU A 36 -7.50 -6.48 2.26
N ARG A 37 -7.69 -7.77 2.01
CA ARG A 37 -8.91 -8.45 2.45
C ARG A 37 -8.75 -8.94 3.87
N VAL A 38 -9.76 -8.79 4.71
CA VAL A 38 -9.67 -9.16 6.13
C VAL A 38 -10.83 -10.10 6.47
N LYS A 39 -10.49 -11.15 7.21
CA LYS A 39 -11.48 -12.19 7.55
C LYS A 39 -12.55 -11.71 8.51
N ASP A 40 -12.17 -10.93 9.50
CA ASP A 40 -13.04 -10.46 10.56
C ASP A 40 -12.72 -9.00 10.86
N PRO A 41 -13.60 -8.09 10.46
CA PRO A 41 -13.40 -6.66 10.64
C PRO A 41 -13.39 -6.20 12.09
N LYS A 42 -14.07 -6.91 12.98
CA LYS A 42 -14.01 -6.55 14.39
C LYS A 42 -12.58 -6.64 14.90
N LYS A 43 -11.88 -7.72 14.59
CA LYS A 43 -10.48 -7.86 15.01
C LYS A 43 -9.58 -6.85 14.32
N SER A 44 -9.77 -6.65 13.00
CA SER A 44 -8.95 -5.71 12.25
C SER A 44 -9.11 -4.28 12.71
N LEU A 45 -10.33 -3.82 12.92
CA LEU A 45 -10.57 -2.45 13.38
C LEU A 45 -9.92 -2.22 14.74
N ASP A 46 -10.06 -3.18 15.65
CA ASP A 46 -9.43 -3.04 16.96
C ASP A 46 -7.91 -2.96 16.78
N PHE A 47 -7.33 -3.83 15.93
CA PHE A 47 -5.87 -3.77 15.74
C PHE A 47 -5.39 -2.45 15.14
N TYR A 48 -5.99 -2.05 14.01
CA TYR A 48 -5.51 -0.82 13.36
C TYR A 48 -5.78 0.44 14.17
N THR A 49 -6.86 0.53 14.95
CA THR A 49 -7.10 1.74 15.71
C THR A 49 -6.42 1.71 17.08
N ARG A 50 -6.59 0.66 17.86
CA ARG A 50 -6.01 0.60 19.21
C ARG A 50 -4.51 0.36 19.19
N VAL A 51 -4.05 -0.61 18.41
CA VAL A 51 -2.60 -0.89 18.40
C VAL A 51 -1.82 0.13 17.59
N LEU A 52 -2.24 0.39 16.35
CA LEU A 52 -1.49 1.30 15.48
C LEU A 52 -1.91 2.76 15.44
N GLY A 53 -3.01 3.13 16.09
CA GLY A 53 -3.42 4.52 16.17
C GLY A 53 -3.97 5.12 14.89
N MET A 54 -4.49 4.31 13.97
CA MET A 54 -5.10 4.87 12.76
C MET A 54 -6.54 5.27 13.07
N THR A 55 -7.12 6.09 12.18
CA THR A 55 -8.50 6.51 12.33
C THR A 55 -9.39 5.91 11.25
N LEU A 56 -10.58 5.45 11.61
CA LEU A 56 -11.54 4.97 10.62
C LEU A 56 -12.18 6.20 9.98
N ILE A 57 -11.85 6.48 8.71
CA ILE A 57 -12.33 7.68 8.05
C ILE A 57 -13.54 7.43 7.18
N GLN A 58 -13.85 6.18 6.85
CA GLN A 58 -15.02 5.96 6.00
C GLN A 58 -15.36 4.47 5.97
N LYS A 59 -16.64 4.16 6.11
CA LYS A 59 -17.13 2.80 6.04
C LYS A 59 -18.12 2.73 4.88
N CYS A 60 -18.00 1.74 4.01
CA CYS A 60 -18.90 1.62 2.87
C CYS A 60 -19.52 0.24 2.87
N ASP A 61 -20.82 0.13 2.64
CA ASP A 61 -21.46 -1.20 2.59
C ASP A 61 -22.14 -1.39 1.25
N PHE A 62 -22.01 -2.57 0.66
CA PHE A 62 -22.58 -2.91 -0.65
C PHE A 62 -23.38 -4.19 -0.48
N PRO A 63 -24.62 -4.09 -0.01
CA PRO A 63 -25.47 -5.22 0.26
C PRO A 63 -25.68 -6.13 -0.93
N ILE A 64 -25.79 -5.60 -2.14
CA ILE A 64 -25.99 -6.45 -3.32
C ILE A 64 -24.80 -7.34 -3.60
N MET A 65 -23.58 -6.81 -3.41
CA MET A 65 -22.37 -7.59 -3.65
C MET A 65 -21.84 -8.25 -2.39
N LYS A 66 -22.52 -8.09 -1.26
CA LYS A 66 -22.15 -8.67 0.01
C LYS A 66 -20.73 -8.39 0.51
N PHE A 67 -20.37 -7.11 0.59
CA PHE A 67 -19.04 -6.77 1.14
C PHE A 67 -19.10 -5.37 1.73
N SER A 68 -18.18 -5.11 2.64
CA SER A 68 -18.02 -3.80 3.24
C SER A 68 -16.57 -3.37 3.03
N LEU A 69 -16.33 -2.07 3.06
CA LEU A 69 -15.00 -1.51 2.92
C LEU A 69 -14.76 -0.58 4.11
N TYR A 70 -13.57 -0.68 4.71
CA TYR A 70 -13.24 0.18 5.83
C TYR A 70 -11.96 0.94 5.48
N PHE A 71 -12.01 2.26 5.40
CA PHE A 71 -10.83 3.04 5.08
C PHE A 71 -10.20 3.56 6.38
N LEU A 72 -8.93 3.26 6.58
CA LEU A 72 -8.20 3.71 7.76
C LEU A 72 -7.06 4.62 7.31
N ALA A 73 -6.74 5.62 8.15
CA ALA A 73 -5.66 6.52 7.80
C ALA A 73 -5.15 7.25 9.05
N TYR A 74 -3.98 7.84 8.92
CA TYR A 74 -3.44 8.68 10.00
C TYR A 74 -3.92 10.09 9.70
N GLU A 75 -5.16 10.36 10.10
CA GLU A 75 -5.84 11.61 9.92
C GLU A 75 -6.56 11.97 11.23
N ASP A 76 -6.73 13.26 11.44
CA ASP A 76 -7.44 13.75 12.63
C ASP A 76 -8.93 13.57 12.43
N LYS A 77 -9.59 12.99 13.41
CA LYS A 77 -11.02 12.76 13.45
C LYS A 77 -11.83 14.03 13.21
N ASN A 78 -11.33 15.16 13.70
CA ASN A 78 -11.97 16.45 13.55
C ASN A 78 -11.94 17.00 12.14
N ASP A 79 -11.18 16.43 11.22
CA ASP A 79 -11.14 16.86 9.84
C ASP A 79 -12.12 16.09 8.97
N ILE A 80 -12.79 15.07 9.50
CA ILE A 80 -13.73 14.32 8.69
C ILE A 80 -15.00 15.16 8.50
N PRO A 81 -15.37 15.47 7.26
CA PRO A 81 -16.55 16.26 6.98
C PRO A 81 -17.82 15.59 7.51
N LYS A 82 -18.84 16.38 7.83
CA LYS A 82 -20.11 15.81 8.31
C LYS A 82 -21.03 15.40 7.18
N GLU A 83 -21.07 16.17 6.10
CA GLU A 83 -21.93 15.83 4.98
C GLU A 83 -21.43 14.61 4.21
N LYS A 84 -22.33 13.68 3.94
CA LYS A 84 -22.07 12.44 3.25
C LYS A 84 -21.23 12.57 1.98
N ASP A 85 -21.66 13.40 1.05
CA ASP A 85 -20.94 13.53 -0.22
C ASP A 85 -19.57 14.15 -0.04
N GLU A 86 -19.43 15.14 0.84
CA GLU A 86 -18.14 15.74 1.12
C GLU A 86 -17.22 14.73 1.82
N LYS A 87 -17.79 13.93 2.71
CA LYS A 87 -17.02 12.92 3.43
C LYS A 87 -16.38 11.92 2.46
N ILE A 88 -17.12 11.37 1.52
CA ILE A 88 -16.56 10.43 0.54
C ILE A 88 -15.49 11.08 -0.31
N ALA A 89 -15.69 12.30 -0.80
CA ALA A 89 -14.70 12.98 -1.64
C ALA A 89 -13.42 13.25 -0.86
N TRP A 90 -13.56 13.60 0.42
CA TRP A 90 -12.42 13.88 1.27
C TRP A 90 -11.67 12.59 1.61
N ALA A 91 -12.40 11.54 1.98
CA ALA A 91 -11.78 10.28 2.36
C ALA A 91 -11.00 9.64 1.20
N LEU A 92 -11.60 9.68 0.01
CA LEU A 92 -10.94 9.09 -1.16
C LEU A 92 -9.94 9.99 -1.83
N SER A 93 -9.65 11.16 -1.29
CA SER A 93 -8.59 12.00 -1.83
C SER A 93 -7.46 12.13 -0.79
N ARG A 94 -7.53 11.40 0.33
CA ARG A 94 -6.42 11.44 1.29
C ARG A 94 -5.30 10.55 0.73
N LYS A 95 -4.04 10.90 0.92
CA LYS A 95 -2.94 10.05 0.53
C LYS A 95 -2.75 8.93 1.55
N ALA A 96 -2.15 7.81 1.16
CA ALA A 96 -1.78 6.75 2.08
C ALA A 96 -2.86 6.22 3.00
N THR A 97 -3.99 5.80 2.44
CA THR A 97 -5.04 5.19 3.23
C THR A 97 -4.90 3.66 3.06
N LEU A 98 -5.48 2.96 4.01
CA LEU A 98 -5.55 1.52 4.01
C LEU A 98 -7.02 1.13 3.84
N GLU A 99 -7.31 0.32 2.83
CA GLU A 99 -8.66 -0.14 2.54
C GLU A 99 -8.80 -1.60 2.93
N LEU A 100 -9.66 -1.89 3.92
CA LEU A 100 -9.82 -3.27 4.34
C LEU A 100 -11.14 -3.75 3.74
N THR A 101 -11.08 -4.86 3.03
CA THR A 101 -12.30 -5.38 2.40
C THR A 101 -12.81 -6.56 3.21
N HIS A 102 -14.06 -6.46 3.65
CA HIS A 102 -14.68 -7.58 4.33
C HIS A 102 -15.74 -8.25 3.43
N ASN A 103 -15.47 -9.47 2.97
CA ASN A 103 -16.46 -10.25 2.23
C ASN A 103 -17.35 -10.90 3.30
N TRP A 104 -18.63 -10.56 3.33
CA TRP A 104 -19.52 -11.04 4.39
C TRP A 104 -19.51 -12.55 4.53
N GLY A 105 -19.47 -13.05 5.78
CA GLY A 105 -19.47 -14.48 6.02
C GLY A 105 -18.12 -15.10 6.29
N THR A 106 -17.00 -14.48 5.94
CA THR A 106 -15.69 -15.08 6.16
C THR A 106 -15.36 -15.26 7.64
N GLU A 107 -15.87 -14.42 8.51
CA GLU A 107 -15.57 -14.51 9.93
C GLU A 107 -16.15 -15.75 10.60
N ASP A 108 -17.14 -16.41 10.02
CA ASP A 108 -17.71 -17.62 10.60
C ASP A 108 -17.29 -18.87 9.84
N ASP A 109 -16.43 -18.74 8.83
CA ASP A 109 -16.04 -19.89 8.03
C ASP A 109 -14.65 -20.37 8.43
N GLU A 110 -14.63 -21.52 9.10
CA GLU A 110 -13.44 -22.19 9.58
C GLU A 110 -12.48 -22.66 8.49
N THR A 111 -12.94 -22.87 7.26
CA THR A 111 -12.07 -23.31 6.19
C THR A 111 -11.46 -22.14 5.39
N GLN A 112 -11.75 -20.91 5.81
CA GLN A 112 -11.26 -19.76 5.07
C GLN A 112 -10.18 -18.99 5.80
N SER A 113 -9.25 -18.44 5.02
CA SER A 113 -8.24 -17.53 5.54
C SER A 113 -7.55 -16.87 4.34
N TYR A 114 -6.97 -15.69 4.57
CA TYR A 114 -6.32 -14.97 3.49
C TYR A 114 -4.82 -15.26 3.51
N HIS A 115 -4.15 -15.02 2.40
CA HIS A 115 -2.72 -15.31 2.27
C HIS A 115 -1.92 -14.02 2.33
N ASN A 116 -0.86 -13.94 3.13
CA ASN A 116 -0.12 -12.69 3.32
C ASN A 116 0.90 -12.35 2.25
N GLY A 117 1.14 -13.21 1.27
CA GLY A 117 2.06 -12.98 0.18
C GLY A 117 3.51 -13.32 0.46
N ASN A 118 3.85 -13.73 1.68
CA ASN A 118 5.24 -13.99 2.04
C ASN A 118 5.65 -15.46 2.02
N SER A 119 4.75 -16.35 1.64
CA SER A 119 5.12 -17.76 1.44
C SER A 119 4.52 -18.09 0.08
N ASP A 120 5.00 -19.10 -0.64
CA ASP A 120 4.48 -19.40 -1.97
C ASP A 120 2.97 -19.54 -1.99
N PRO A 121 2.33 -18.95 -2.99
CA PRO A 121 2.98 -18.14 -4.01
C PRO A 121 3.15 -16.70 -3.54
N ARG A 122 4.35 -16.14 -3.68
CA ARG A 122 4.64 -14.82 -3.16
C ARG A 122 4.25 -13.68 -4.12
N GLY A 123 4.11 -12.50 -3.52
CA GLY A 123 3.83 -11.31 -4.33
C GLY A 123 3.96 -10.08 -3.42
N PHE A 124 2.80 -9.65 -2.94
CA PHE A 124 2.76 -8.55 -1.97
C PHE A 124 3.65 -8.93 -0.78
N GLY A 125 4.33 -7.95 -0.20
CA GLY A 125 5.18 -8.26 0.97
C GLY A 125 4.62 -7.65 2.25
N HIS A 126 4.44 -6.31 2.25
CA HIS A 126 4.04 -5.66 3.50
C HIS A 126 3.67 -4.19 3.29
N ILE A 127 3.08 -3.63 4.33
CA ILE A 127 2.89 -2.18 4.42
C ILE A 127 3.92 -1.78 5.47
N GLY A 128 4.38 -0.53 5.48
CA GLY A 128 5.37 -0.13 6.48
C GLY A 128 4.96 1.17 7.16
N ILE A 129 5.17 1.24 8.48
CA ILE A 129 4.82 2.41 9.28
C ILE A 129 6.09 3.10 9.78
N ALA A 130 6.27 4.39 9.52
CA ALA A 130 7.47 5.08 9.99
C ALA A 130 7.14 5.65 11.38
N VAL A 131 8.02 5.38 12.34
CA VAL A 131 7.78 5.78 13.73
C VAL A 131 9.02 6.51 14.24
N PRO A 132 8.89 7.31 15.29
CA PRO A 132 10.00 8.05 15.87
C PRO A 132 11.06 7.18 16.53
N ASP A 133 10.66 6.04 17.07
CA ASP A 133 11.56 5.15 17.79
C ASP A 133 11.06 3.72 17.73
N VAL A 134 11.77 2.88 17.01
CA VAL A 134 11.35 1.48 16.83
C VAL A 134 11.36 0.73 18.17
N TYR A 135 12.39 0.94 18.97
CA TYR A 135 12.45 0.15 20.23
C TYR A 135 11.30 0.46 21.16
N SER A 136 10.93 1.70 21.42
CA SER A 136 9.82 1.97 22.32
C SER A 136 8.48 1.55 21.69
N ALA A 137 8.32 1.70 20.37
CA ALA A 137 7.08 1.25 19.74
C ALA A 137 6.95 -0.26 19.91
N CYS A 138 8.03 -1.03 19.72
CA CYS A 138 7.97 -2.48 19.86
C CYS A 138 7.77 -2.94 21.31
N LYS A 139 8.26 -2.15 22.26
CA LYS A 139 8.05 -2.46 23.67
C LYS A 139 6.55 -2.39 23.97
N ARG A 140 5.89 -1.35 23.46
CA ARG A 140 4.45 -1.20 23.66
C ARG A 140 3.73 -2.33 22.92
N PHE A 141 4.14 -2.67 21.69
CA PHE A 141 3.54 -3.80 20.99
C PHE A 141 3.66 -5.10 21.78
N GLU A 142 4.82 -5.37 22.38
CA GLU A 142 5.00 -6.56 23.20
C GLU A 142 4.07 -6.54 24.41
N GLU A 143 3.94 -5.41 25.09
CA GLU A 143 3.03 -5.25 26.21
C GLU A 143 1.58 -5.53 25.84
N LEU A 144 1.20 -5.22 24.59
CA LEU A 144 -0.13 -5.45 24.10
C LEU A 144 -0.35 -6.84 23.53
N GLY A 145 0.64 -7.71 23.51
CA GLY A 145 0.44 -9.08 23.02
C GLY A 145 0.49 -9.21 21.51
N VAL A 146 1.01 -8.23 20.81
CA VAL A 146 1.12 -8.29 19.35
C VAL A 146 2.10 -9.39 18.95
N LYS A 147 1.79 -10.09 17.87
CA LYS A 147 2.65 -11.14 17.35
C LYS A 147 3.73 -10.54 16.44
N PHE A 148 4.96 -10.97 16.70
CA PHE A 148 6.09 -10.49 15.93
C PHE A 148 6.56 -11.50 14.89
N VAL A 149 6.90 -10.99 13.71
CA VAL A 149 7.56 -11.84 12.71
C VAL A 149 9.05 -11.65 12.96
N LYS A 150 9.42 -10.40 13.22
CA LYS A 150 10.84 -10.08 13.39
C LYS A 150 11.00 -8.94 14.40
N LYS A 151 11.62 -9.24 15.54
CA LYS A 151 11.90 -8.22 16.53
C LYS A 151 13.08 -7.42 15.99
N PRO A 152 13.26 -6.20 16.49
CA PRO A 152 14.23 -5.27 15.97
C PRO A 152 15.65 -5.83 15.88
N ASP A 153 16.06 -6.58 16.90
CA ASP A 153 17.43 -7.10 16.91
C ASP A 153 17.55 -8.50 16.34
N ASP A 154 16.47 -9.09 15.88
CA ASP A 154 16.53 -10.40 15.26
C ASP A 154 16.67 -10.28 13.75
N GLY A 155 16.89 -11.39 13.06
CA GLY A 155 16.97 -11.38 11.61
C GLY A 155 18.23 -10.74 11.06
N LYS A 156 18.18 -10.31 9.80
CA LYS A 156 19.38 -9.80 9.15
C LYS A 156 19.60 -8.31 9.28
N MET A 157 18.53 -7.51 9.11
CA MET A 157 18.64 -6.07 9.18
C MET A 157 18.22 -5.59 10.55
N LYS A 158 19.18 -5.10 11.34
CA LYS A 158 18.89 -4.69 12.70
C LYS A 158 18.28 -3.29 12.78
N GLY A 159 17.39 -3.10 13.74
CA GLY A 159 16.76 -1.81 13.93
C GLY A 159 15.40 -1.67 13.26
N LEU A 160 14.97 -2.67 12.50
CA LEU A 160 13.63 -2.61 11.91
C LEU A 160 12.86 -3.84 12.39
N ALA A 161 11.53 -3.73 12.48
CA ALA A 161 10.75 -4.87 12.94
C ALA A 161 9.60 -5.20 12.00
N PHE A 162 9.09 -6.42 12.14
CA PHE A 162 7.90 -6.80 11.39
C PHE A 162 6.91 -7.41 12.42
N ILE A 163 5.73 -6.87 12.49
CA ILE A 163 4.65 -7.39 13.31
C ILE A 163 3.60 -7.95 12.34
N GLN A 164 2.61 -8.65 12.88
CA GLN A 164 1.54 -9.20 12.03
C GLN A 164 0.20 -8.68 12.53
N ASP A 165 -0.71 -8.48 11.59
CA ASP A 165 -2.08 -8.06 11.96
C ASP A 165 -2.87 -9.34 12.19
N PRO A 166 -4.16 -9.25 12.49
CA PRO A 166 -5.00 -10.41 12.76
C PRO A 166 -5.10 -11.39 11.62
N ASP A 167 -4.96 -10.98 10.35
CA ASP A 167 -4.98 -11.92 9.24
C ASP A 167 -3.59 -12.49 8.91
N GLY A 168 -2.53 -12.02 9.54
CA GLY A 168 -1.19 -12.50 9.20
C GLY A 168 -0.45 -11.56 8.27
N TYR A 169 -1.04 -10.43 7.86
CA TYR A 169 -0.29 -9.51 6.99
C TYR A 169 0.89 -8.90 7.76
N TRP A 170 2.01 -8.72 7.06
CA TRP A 170 3.22 -8.21 7.71
C TRP A 170 3.23 -6.69 7.67
N ILE A 171 3.56 -6.10 8.80
CA ILE A 171 3.64 -4.65 8.93
C ILE A 171 5.05 -4.30 9.40
N GLU A 172 5.77 -3.53 8.58
CA GLU A 172 7.15 -3.17 8.98
C GLU A 172 7.10 -1.93 9.86
N ILE A 173 7.94 -1.92 10.89
CA ILE A 173 8.05 -0.79 11.80
C ILE A 173 9.46 -0.22 11.62
N LEU A 174 9.58 1.00 11.12
CA LEU A 174 10.91 1.49 10.80
C LEU A 174 11.10 2.93 11.27
N ASN A 175 12.35 3.26 11.51
CA ASN A 175 12.73 4.62 11.89
C ASN A 175 13.61 5.15 10.75
N PRO A 176 13.06 6.10 9.99
CA PRO A 176 13.75 6.66 8.85
C PRO A 176 15.11 7.28 9.18
N ASN A 177 15.29 7.80 10.38
CA ASN A 177 16.54 8.42 10.78
C ASN A 177 17.58 7.44 11.29
N LYS A 178 17.35 6.14 11.27
CA LYS A 178 18.32 5.16 11.72
C LYS A 178 18.61 4.14 10.62
N MET A 179 18.24 4.40 9.37
CA MET A 179 18.42 3.44 8.31
C MET A 179 19.70 3.60 7.51
N ALA A 180 20.39 4.72 7.64
CA ALA A 180 21.55 5.03 6.83
C ALA A 180 22.72 4.09 6.98
N THR A 181 22.87 3.34 8.06
CA THR A 181 23.99 2.43 8.23
C THR A 181 23.72 1.02 7.71
N LEU A 182 22.51 0.76 7.24
CA LEU A 182 22.15 -0.55 6.73
C LEU A 182 22.74 -0.83 5.36
N MET A 183 23.17 0.18 4.64
CA MET A 183 23.69 0.02 3.30
C MET A 183 25.19 0.28 3.19
N GLY B 8 -25.17 -10.59 7.31
CA GLY B 8 -24.92 -9.20 6.83
C GLY B 8 -23.54 -8.77 7.33
N GLY B 9 -23.19 -7.50 7.18
CA GLY B 9 -21.89 -7.04 7.67
C GLY B 9 -22.12 -6.32 9.00
N LEU B 10 -21.10 -5.63 9.48
CA LEU B 10 -21.21 -4.85 10.70
C LEU B 10 -22.09 -3.62 10.47
N THR B 11 -22.84 -3.24 11.50
CA THR B 11 -23.60 -2.01 11.43
C THR B 11 -22.58 -0.90 11.69
N ASP B 12 -22.93 0.34 11.39
CA ASP B 12 -22.05 1.45 11.65
C ASP B 12 -21.67 1.54 13.13
N GLU B 13 -22.65 1.35 14.00
CA GLU B 13 -22.54 1.40 15.44
C GLU B 13 -21.59 0.33 15.96
N ALA B 14 -21.75 -0.91 15.49
CA ALA B 14 -20.86 -1.98 15.90
C ALA B 14 -19.43 -1.72 15.43
N ALA B 15 -19.26 -1.20 14.22
CA ALA B 15 -17.94 -0.87 13.68
C ALA B 15 -17.26 0.18 14.55
N LEU B 16 -18.02 1.23 14.90
CA LEU B 16 -17.47 2.30 15.74
C LEU B 16 -17.11 1.80 17.13
N SER B 17 -17.85 0.82 17.63
CA SER B 17 -17.63 0.19 18.91
C SER B 17 -16.33 -0.62 18.97
N CYS B 18 -15.78 -1.02 17.83
CA CYS B 18 -14.52 -1.74 17.78
C CYS B 18 -13.33 -0.79 17.63
N CYS B 19 -13.57 0.50 17.48
CA CYS B 19 -12.50 1.45 17.31
C CYS B 19 -12.10 2.13 18.62
N SER B 20 -10.81 2.27 18.86
CA SER B 20 -10.34 2.97 20.05
C SER B 20 -9.70 4.29 19.60
N ASP B 21 -9.70 5.26 20.48
CA ASP B 21 -9.02 6.52 20.18
C ASP B 21 -7.52 6.22 20.09
N ALA B 22 -6.78 7.04 19.34
CA ALA B 22 -5.36 6.82 19.17
C ALA B 22 -4.53 7.13 20.40
N ASP B 23 -3.75 6.16 20.87
CA ASP B 23 -2.83 6.38 21.98
C ASP B 23 -1.85 7.49 21.57
N PRO B 24 -1.52 8.39 22.50
CA PRO B 24 -0.57 9.46 22.28
C PRO B 24 0.80 9.01 21.80
N SER B 25 1.26 7.80 22.11
CA SER B 25 2.55 7.34 21.61
C SER B 25 2.55 6.98 20.13
N THR B 26 1.43 7.04 19.42
CA THR B 26 1.35 6.74 18.00
C THR B 26 1.11 8.01 17.19
N LYS B 27 1.10 9.16 17.85
CA LYS B 27 0.79 10.43 17.19
C LYS B 27 1.65 10.82 15.99
N ASP B 28 2.91 10.43 15.89
CA ASP B 28 3.70 10.81 14.72
C ASP B 28 3.89 9.64 13.75
N PHE B 29 3.18 8.54 13.91
CA PHE B 29 3.28 7.41 12.99
C PHE B 29 2.74 7.81 11.61
N LEU B 30 3.30 7.23 10.56
CA LEU B 30 2.80 7.53 9.22
C LEU B 30 2.88 6.28 8.35
N LEU B 31 1.93 6.18 7.43
CA LEU B 31 1.86 5.02 6.53
C LEU B 31 2.79 5.38 5.37
N GLN B 32 3.98 4.81 5.45
CA GLN B 32 5.11 5.14 4.60
C GLN B 32 5.22 4.36 3.31
N GLN B 33 4.94 3.07 3.31
CA GLN B 33 5.17 2.26 2.11
C GLN B 33 4.25 1.06 1.95
N THR B 34 4.22 0.57 0.73
CA THR B 34 3.55 -0.66 0.35
C THR B 34 4.59 -1.43 -0.48
N MET B 35 4.89 -2.68 -0.14
CA MET B 35 5.96 -3.39 -0.83
C MET B 35 5.42 -4.48 -1.75
N LEU B 36 5.90 -4.48 -2.99
CA LEU B 36 5.51 -5.50 -3.95
C LEU B 36 6.78 -6.10 -4.55
N ARG B 37 6.77 -7.41 -4.82
CA ARG B 37 7.95 -8.01 -5.45
C ARG B 37 7.77 -7.93 -6.97
N VAL B 38 8.82 -7.59 -7.70
CA VAL B 38 8.70 -7.44 -9.15
C VAL B 38 9.73 -8.33 -9.85
N LYS B 39 9.29 -9.05 -10.88
CA LYS B 39 10.16 -10.00 -11.59
C LYS B 39 11.31 -9.34 -12.34
N ASP B 40 11.02 -8.22 -12.99
CA ASP B 40 12.00 -7.52 -13.83
C ASP B 40 11.85 -6.03 -13.61
N PRO B 41 12.83 -5.42 -12.93
CA PRO B 41 12.77 -4.01 -12.60
C PRO B 41 12.85 -3.07 -13.78
N LYS B 42 13.45 -3.51 -14.90
CA LYS B 42 13.46 -2.63 -16.08
C LYS B 42 12.03 -2.41 -16.56
N LYS B 43 11.21 -3.45 -16.61
CA LYS B 43 9.82 -3.26 -17.03
C LYS B 43 9.03 -2.44 -16.03
N SER B 44 9.20 -2.75 -14.74
CA SER B 44 8.47 -2.05 -13.68
C SER B 44 8.82 -0.58 -13.60
N LEU B 45 10.10 -0.23 -13.68
CA LEU B 45 10.51 1.17 -13.66
C LEU B 45 9.93 1.94 -14.83
N ASP B 46 9.97 1.35 -16.02
CA ASP B 46 9.36 2.02 -17.18
C ASP B 46 7.86 2.21 -16.96
N PHE B 47 7.15 1.18 -16.47
CA PHE B 47 5.72 1.33 -16.22
C PHE B 47 5.39 2.40 -15.19
N TYR B 48 5.95 2.30 -13.97
CA TYR B 48 5.60 3.29 -12.95
C TYR B 48 6.05 4.71 -13.27
N THR B 49 7.15 4.93 -14.00
CA THR B 49 7.53 6.30 -14.28
C THR B 49 6.91 6.85 -15.56
N ARG B 50 6.95 6.12 -16.66
CA ARG B 50 6.42 6.58 -17.95
C ARG B 50 4.90 6.53 -18.00
N VAL B 51 4.29 5.43 -17.56
CA VAL B 51 2.83 5.33 -17.63
C VAL B 51 2.18 6.08 -16.49
N LEU B 52 2.61 5.83 -15.24
CA LEU B 52 1.92 6.47 -14.11
C LEU B 52 2.51 7.75 -13.59
N GLY B 53 3.69 8.17 -14.08
CA GLY B 53 4.25 9.45 -13.67
C GLY B 53 4.83 9.52 -12.28
N MET B 54 5.26 8.38 -11.72
CA MET B 54 5.86 8.40 -10.39
C MET B 54 7.35 8.71 -10.55
N THR B 55 8.00 9.09 -9.47
CA THR B 55 9.43 9.38 -9.51
C THR B 55 10.19 8.31 -8.71
N LEU B 56 11.32 7.88 -9.26
CA LEU B 56 12.21 7.00 -8.47
C LEU B 56 12.93 7.86 -7.45
N ILE B 57 12.66 7.71 -6.16
CA ILE B 57 13.27 8.55 -5.14
C ILE B 57 14.45 7.89 -4.46
N GLN B 58 14.63 6.58 -4.59
CA GLN B 58 15.73 5.92 -3.88
C GLN B 58 15.89 4.49 -4.38
N LYS B 59 17.13 4.11 -4.63
CA LYS B 59 17.46 2.75 -5.06
C LYS B 59 18.42 2.19 -4.01
N CYS B 60 18.16 0.97 -3.54
CA CYS B 60 19.00 0.37 -2.52
C CYS B 60 19.46 -1.00 -2.99
N ASP B 61 20.73 -1.34 -2.83
CA ASP B 61 21.22 -2.63 -3.29
C ASP B 61 21.85 -3.36 -2.10
N PHE B 62 21.58 -4.65 -1.96
CA PHE B 62 22.08 -5.47 -0.88
C PHE B 62 22.74 -6.72 -1.49
N PRO B 63 23.99 -6.58 -1.92
CA PRO B 63 24.71 -7.63 -2.60
C PRO B 63 24.79 -8.92 -1.83
N ILE B 64 24.99 -8.89 -0.51
CA ILE B 64 25.04 -10.13 0.26
C ILE B 64 23.73 -10.91 0.23
N MET B 65 22.60 -10.21 0.28
CA MET B 65 21.29 -10.88 0.25
C MET B 65 20.72 -10.97 -1.16
N LYS B 66 21.43 -10.48 -2.16
CA LYS B 66 21.05 -10.54 -3.56
C LYS B 66 19.67 -9.95 -3.87
N PHE B 67 19.48 -8.69 -3.48
CA PHE B 67 18.20 -8.05 -3.84
C PHE B 67 18.41 -6.55 -3.93
N SER B 68 17.52 -5.88 -4.65
CA SER B 68 17.54 -4.43 -4.75
C SER B 68 16.14 -3.95 -4.38
N LEU B 69 16.06 -2.70 -3.92
CA LEU B 69 14.78 -2.08 -3.60
C LEU B 69 14.64 -0.78 -4.39
N TYR B 70 13.47 -0.52 -4.95
CA TYR B 70 13.25 0.70 -5.71
C TYR B 70 12.05 1.44 -5.08
N PHE B 71 12.28 2.62 -4.54
CA PHE B 71 11.21 3.40 -3.94
C PHE B 71 10.64 4.39 -4.96
N LEU B 72 9.35 4.31 -5.21
CA LEU B 72 8.71 5.23 -6.16
C LEU B 72 7.66 6.05 -5.41
N ALA B 73 7.44 7.28 -5.86
CA ALA B 73 6.49 8.14 -5.17
C ALA B 73 6.11 9.33 -6.05
N TYR B 74 5.01 9.97 -5.68
CA TYR B 74 4.60 11.19 -6.38
C TYR B 74 5.22 12.35 -5.65
N GLU B 75 6.49 12.60 -5.97
CA GLU B 75 7.30 13.61 -5.35
C GLU B 75 8.09 14.33 -6.46
N ASP B 76 8.44 15.57 -6.19
CA ASP B 76 9.23 16.36 -7.14
C ASP B 76 10.68 15.95 -7.06
N LYS B 77 11.28 15.66 -8.21
CA LYS B 77 12.68 15.31 -8.37
C LYS B 77 13.62 16.32 -7.73
N ASN B 78 13.27 17.60 -7.76
CA ASN B 78 14.05 18.67 -7.20
C ASN B 78 14.06 18.69 -5.67
N ASP B 79 13.21 17.90 -4.99
CA ASP B 79 13.21 17.84 -3.55
C ASP B 79 14.08 16.70 -3.03
N ILE B 80 14.63 15.86 -3.90
CA ILE B 80 15.46 14.77 -3.42
C ILE B 80 16.82 15.32 -2.99
N PRO B 81 17.20 15.13 -1.74
CA PRO B 81 18.46 15.63 -1.21
C PRO B 81 19.64 15.03 -1.95
N LYS B 82 20.76 15.76 -2.02
CA LYS B 82 21.94 15.27 -2.71
C LYS B 82 22.78 14.38 -1.81
N GLU B 83 22.89 14.71 -0.53
CA GLU B 83 23.69 13.91 0.40
C GLU B 83 23.05 12.56 0.69
N LYS B 84 23.85 11.50 0.59
CA LYS B 84 23.43 10.13 0.80
C LYS B 84 22.62 9.87 2.07
N ASP B 85 23.11 10.28 3.24
CA ASP B 85 22.37 10.05 4.48
C ASP B 85 21.08 10.86 4.54
N GLU B 86 21.08 12.09 4.07
CA GLU B 86 19.87 12.91 4.06
C GLU B 86 18.87 12.32 3.08
N LYS B 87 19.37 11.79 1.96
CA LYS B 87 18.48 11.22 0.96
C LYS B 87 17.69 10.04 1.52
N ILE B 88 18.35 9.13 2.23
CA ILE B 88 17.68 7.97 2.81
C ILE B 88 16.65 8.37 3.86
N ALA B 89 16.98 9.30 4.75
CA ALA B 89 16.06 9.77 5.77
C ALA B 89 14.84 10.46 5.17
N TRP B 90 15.05 11.19 4.07
CA TRP B 90 13.96 11.89 3.41
C TRP B 90 13.07 10.90 2.67
N ALA B 91 13.66 9.97 1.93
CA ALA B 91 12.92 9.00 1.13
C ALA B 91 12.03 8.09 1.99
N LEU B 92 12.63 7.62 3.10
CA LEU B 92 11.91 6.77 4.02
C LEU B 92 11.00 7.48 5.00
N SER B 93 10.85 8.80 4.88
CA SER B 93 9.90 9.54 5.70
C SER B 93 8.84 10.20 4.83
N ARG B 94 8.78 9.89 3.54
CA ARG B 94 7.71 10.35 2.67
C ARG B 94 6.50 9.43 2.90
N LYS B 95 5.29 9.98 2.86
CA LYS B 95 4.09 9.19 2.95
C LYS B 95 3.79 8.52 1.61
N ALA B 96 3.04 7.43 1.65
CA ALA B 96 2.58 6.81 0.41
C ALA B 96 3.61 6.51 -0.65
N THR B 97 4.67 5.79 -0.30
CA THR B 97 5.65 5.36 -1.28
C THR B 97 5.35 3.92 -1.70
N LEU B 98 5.91 3.53 -2.82
CA LEU B 98 5.79 2.18 -3.35
C LEU B 98 7.18 1.57 -3.36
N GLU B 99 7.36 0.45 -2.69
CA GLU B 99 8.65 -0.23 -2.62
C GLU B 99 8.64 -1.48 -3.51
N LEU B 100 9.45 -1.48 -4.56
CA LEU B 100 9.48 -2.63 -5.45
C LEU B 100 10.72 -3.46 -5.10
N THR B 101 10.52 -4.73 -4.82
CA THR B 101 11.65 -5.58 -4.43
C THR B 101 12.07 -6.43 -5.61
N HIS B 102 13.35 -6.36 -5.95
CA HIS B 102 13.85 -7.20 -7.04
C HIS B 102 14.81 -8.24 -6.46
N ASN B 103 14.40 -9.50 -6.47
CA ASN B 103 15.28 -10.60 -6.04
C ASN B 103 16.09 -10.96 -7.29
N TRP B 104 17.39 -10.71 -7.25
CA TRP B 104 18.22 -10.89 -8.45
C TRP B 104 18.06 -12.26 -9.09
N GLY B 105 17.99 -12.30 -10.42
CA GLY B 105 17.85 -13.57 -11.13
C GLY B 105 16.44 -13.89 -11.58
N THR B 106 15.40 -13.29 -10.99
CA THR B 106 14.04 -13.66 -11.39
C THR B 106 13.71 -13.30 -12.83
N GLU B 107 14.30 -12.24 -13.37
CA GLU B 107 14.01 -11.79 -14.72
C GLU B 107 14.45 -12.80 -15.78
N ASP B 108 15.36 -13.72 -15.51
CA ASP B 108 15.79 -14.70 -16.48
C ASP B 108 15.23 -16.09 -16.19
N ASP B 109 14.39 -16.21 -15.16
CA ASP B 109 13.86 -17.53 -14.81
C ASP B 109 12.44 -17.70 -15.30
N GLU B 110 12.28 -18.52 -16.32
CA GLU B 110 11.06 -18.85 -17.01
C GLU B 110 10.03 -19.55 -16.14
N THR B 111 10.46 -20.21 -15.07
CA THR B 111 9.55 -20.92 -14.19
C THR B 111 9.04 -20.03 -13.04
N GLN B 112 9.50 -18.79 -12.98
CA GLN B 112 9.10 -17.91 -11.89
C GLN B 112 8.11 -16.82 -12.28
N SER B 113 7.24 -16.48 -11.34
CA SER B 113 6.36 -15.33 -11.49
C SER B 113 5.72 -15.01 -10.13
N TYR B 114 5.29 -13.76 -9.93
CA TYR B 114 4.68 -13.43 -8.64
C TYR B 114 3.17 -13.53 -8.73
N HIS B 115 2.47 -13.60 -7.62
CA HIS B 115 1.02 -13.76 -7.59
C HIS B 115 0.36 -12.46 -7.16
N ASN B 116 -0.66 -11.98 -7.87
CA ASN B 116 -1.24 -10.68 -7.56
C ASN B 116 -2.23 -10.62 -6.42
N GLY B 117 -2.56 -11.72 -5.78
CA GLY B 117 -3.51 -11.79 -4.69
C GLY B 117 -4.98 -11.82 -5.06
N ASN B 118 -5.35 -11.76 -6.34
CA ASN B 118 -6.75 -11.71 -6.73
C ASN B 118 -7.33 -13.04 -7.22
N SER B 119 -6.54 -14.11 -7.19
CA SER B 119 -7.04 -15.45 -7.51
C SER B 119 -6.52 -16.31 -6.35
N ASP B 120 -7.10 -17.46 -6.05
CA ASP B 120 -6.66 -18.23 -4.91
C ASP B 120 -5.17 -18.51 -4.95
N PRO B 121 -4.51 -18.40 -3.81
CA PRO B 121 -5.10 -17.94 -2.56
C PRO B 121 -5.10 -16.42 -2.51
N ARG B 122 -6.24 -15.81 -2.18
CA ARG B 122 -6.38 -14.36 -2.17
C ARG B 122 -5.86 -13.69 -0.91
N GLY B 123 -5.60 -12.39 -1.04
CA GLY B 123 -5.15 -11.63 0.17
C GLY B 123 -5.15 -10.15 -0.27
N PHE B 124 -3.96 -9.71 -0.62
CA PHE B 124 -3.75 -8.35 -1.12
C PHE B 124 -4.64 -8.16 -2.35
N GLY B 125 -5.23 -7.00 -2.52
CA GLY B 125 -6.05 -6.75 -3.70
C GLY B 125 -5.39 -5.79 -4.68
N HIS B 126 -5.12 -4.55 -4.24
CA HIS B 126 -4.61 -3.56 -5.16
C HIS B 126 -4.05 -2.34 -4.44
N ILE B 127 -3.36 -1.52 -5.25
CA ILE B 127 -3.02 -0.17 -4.84
C ILE B 127 -3.99 0.69 -5.66
N GLY B 128 -4.29 1.92 -5.24
CA GLY B 128 -5.22 2.75 -6.03
C GLY B 128 -4.64 4.15 -6.20
N ILE B 129 -4.77 4.68 -7.42
CA ILE B 129 -4.32 6.03 -7.74
C ILE B 129 -5.52 6.97 -7.92
N ALA B 130 -5.57 8.09 -7.23
CA ALA B 130 -6.66 9.05 -7.42
C ALA B 130 -6.25 10.02 -8.53
N VAL B 131 -7.13 10.21 -9.51
CA VAL B 131 -6.80 11.07 -10.66
C VAL B 131 -7.92 12.07 -10.82
N PRO B 132 -7.69 13.16 -11.55
CA PRO B 132 -8.70 14.18 -11.80
C PRO B 132 -9.84 13.70 -12.67
N ASP B 133 -9.61 12.78 -13.59
CA ASP B 133 -10.60 12.32 -14.54
C ASP B 133 -10.25 10.90 -14.99
N VAL B 134 -11.07 9.94 -14.56
CA VAL B 134 -10.82 8.55 -14.93
C VAL B 134 -10.88 8.32 -16.44
N TYR B 135 -11.89 8.92 -17.10
CA TYR B 135 -12.02 8.65 -18.54
C TYR B 135 -10.83 9.14 -19.35
N SER B 136 -10.32 10.35 -19.15
CA SER B 136 -9.16 10.78 -19.94
C SER B 136 -7.90 10.03 -19.53
N ALA B 137 -7.76 9.69 -18.24
CA ALA B 137 -6.59 8.91 -17.83
C ALA B 137 -6.60 7.55 -18.51
N CYS B 138 -7.75 6.86 -18.59
CA CYS B 138 -7.82 5.57 -19.24
C CYS B 138 -7.70 5.65 -20.77
N LYS B 139 -8.07 6.78 -21.37
CA LYS B 139 -7.87 6.96 -22.81
C LYS B 139 -6.38 6.97 -23.11
N ARG B 140 -5.61 7.70 -22.28
CA ARG B 140 -4.15 7.69 -22.46
C ARG B 140 -3.61 6.31 -22.19
N PHE B 141 -4.06 5.59 -21.15
CA PHE B 141 -3.58 4.23 -20.91
C PHE B 141 -3.85 3.31 -22.11
N GLU B 142 -5.03 3.42 -22.72
CA GLU B 142 -5.34 2.61 -23.90
C GLU B 142 -4.40 2.96 -25.06
N GLU B 143 -4.11 4.22 -25.28
CA GLU B 143 -3.17 4.66 -26.30
C GLU B 143 -1.76 4.12 -26.11
N LEU B 144 -1.38 3.88 -24.84
CA LEU B 144 -0.07 3.37 -24.50
C LEU B 144 -0.03 1.85 -24.50
N GLY B 145 -1.14 1.16 -24.75
CA GLY B 145 -1.13 -0.30 -24.78
C GLY B 145 -1.22 -0.97 -23.42
N VAL B 146 -1.57 -0.23 -22.37
CA VAL B 146 -1.69 -0.79 -21.03
C VAL B 146 -2.79 -1.85 -20.99
N LYS B 147 -2.59 -2.92 -20.25
CA LYS B 147 -3.58 -3.98 -20.12
C LYS B 147 -4.60 -3.62 -19.04
N PHE B 148 -5.87 -3.80 -19.38
CA PHE B 148 -6.95 -3.49 -18.48
C PHE B 148 -7.56 -4.74 -17.85
N VAL B 149 -7.85 -4.65 -16.56
CA VAL B 149 -8.62 -5.69 -15.88
C VAL B 149 -10.08 -5.26 -16.00
N LYS B 150 -10.29 -3.95 -15.85
CA LYS B 150 -11.66 -3.43 -15.85
C LYS B 150 -11.69 -2.01 -16.37
N LYS B 151 -12.33 -1.86 -17.54
CA LYS B 151 -12.48 -0.52 -18.11
C LYS B 151 -13.55 0.19 -17.29
N PRO B 152 -13.55 1.51 -17.29
CA PRO B 152 -14.43 2.29 -16.45
C PRO B 152 -15.89 1.93 -16.52
N ASP B 153 -16.41 1.66 -17.73
CA ASP B 153 -17.82 1.32 -17.88
C ASP B 153 -18.09 -0.17 -17.82
N ASP B 154 -17.08 -1.02 -17.66
CA ASP B 154 -17.31 -2.45 -17.56
C ASP B 154 -17.46 -2.86 -16.08
N GLY B 155 -17.77 -4.12 -15.83
CA GLY B 155 -17.87 -4.63 -14.47
C GLY B 155 -19.09 -4.12 -13.73
N LYS B 156 -19.01 -4.10 -12.39
CA LYS B 156 -20.16 -3.74 -11.57
C LYS B 156 -20.23 -2.28 -11.17
N MET B 157 -19.09 -1.74 -10.72
CA MET B 157 -19.05 -0.36 -10.28
C MET B 157 -18.54 0.52 -11.41
N LYS B 158 -19.42 1.36 -11.95
CA LYS B 158 -19.03 2.19 -13.09
C LYS B 158 -18.26 3.42 -12.66
N GLY B 159 -17.35 3.89 -13.51
CA GLY B 159 -16.61 5.11 -13.19
C GLY B 159 -15.25 4.84 -12.55
N LEU B 160 -14.95 3.56 -12.29
CA LEU B 160 -13.62 3.24 -11.75
C LEU B 160 -13.00 2.17 -12.64
N ALA B 161 -11.67 2.14 -12.72
CA ALA B 161 -11.01 1.20 -13.59
C ALA B 161 -9.89 0.45 -12.86
N PHE B 162 -9.52 -0.70 -13.41
CA PHE B 162 -8.38 -1.44 -12.90
C PHE B 162 -7.47 -1.73 -14.10
N ILE B 163 -6.22 -1.33 -14.00
CA ILE B 163 -5.19 -1.69 -14.98
C ILE B 163 -4.24 -2.66 -14.29
N GLN B 164 -3.33 -3.24 -15.06
CA GLN B 164 -2.35 -4.16 -14.47
C GLN B 164 -0.94 -3.65 -14.78
N ASP B 165 -0.01 -3.92 -13.88
CA ASP B 165 1.38 -3.54 -14.10
C ASP B 165 2.04 -4.75 -14.76
N PRO B 166 3.34 -4.70 -15.03
CA PRO B 166 4.07 -5.78 -15.69
C PRO B 166 4.05 -7.11 -14.98
N ASP B 167 3.92 -7.18 -13.66
CA ASP B 167 3.79 -8.44 -12.95
C ASP B 167 2.34 -8.91 -12.84
N GLY B 168 1.36 -8.10 -13.23
CA GLY B 168 -0.04 -8.51 -13.06
C GLY B 168 -0.69 -7.89 -11.83
N TYR B 169 0.03 -7.05 -11.05
CA TYR B 169 -0.63 -6.45 -9.89
C TYR B 169 -1.71 -5.48 -10.40
N TRP B 170 -2.84 -5.46 -9.70
CA TRP B 170 -3.95 -4.59 -10.08
C TRP B 170 -3.78 -3.20 -9.47
N ILE B 171 -4.06 -2.20 -10.29
CA ILE B 171 -3.96 -0.81 -9.90
C ILE B 171 -5.30 -0.14 -10.22
N GLU B 172 -5.96 0.37 -9.20
CA GLU B 172 -7.25 1.01 -9.39
C GLU B 172 -7.03 2.46 -9.79
N ILE B 173 -7.87 2.95 -10.70
CA ILE B 173 -7.85 4.32 -11.16
C ILE B 173 -9.20 4.93 -10.74
N LEU B 174 -9.15 5.93 -9.84
CA LEU B 174 -10.43 6.41 -9.32
C LEU B 174 -10.46 7.91 -9.21
N ASN B 175 -11.66 8.46 -9.32
CA ASN B 175 -11.83 9.92 -9.21
C ASN B 175 -12.68 10.11 -7.96
N PRO B 176 -12.08 10.65 -6.91
CA PRO B 176 -12.73 10.85 -5.64
C PRO B 176 -13.98 11.69 -5.70
N ASN B 177 -14.05 12.66 -6.61
CA ASN B 177 -15.24 13.49 -6.74
C ASN B 177 -16.36 12.86 -7.56
N LYS B 178 -16.29 11.61 -7.97
CA LYS B 178 -17.39 10.98 -8.72
C LYS B 178 -17.83 9.69 -8.04
N MET B 179 -17.38 9.45 -6.82
CA MET B 179 -17.70 8.21 -6.12
C MET B 179 -18.98 8.23 -5.31
N ALA B 180 -19.52 9.41 -5.02
CA ALA B 180 -20.69 9.55 -4.17
C ALA B 180 -21.96 8.85 -4.63
N THR B 181 -22.15 8.54 -5.91
CA THR B 181 -23.36 7.86 -6.35
C THR B 181 -23.25 6.34 -6.38
N LEU B 182 -22.09 5.78 -6.04
CA LEU B 182 -21.92 4.34 -6.02
C LEU B 182 -22.54 3.68 -4.78
N MET B 183 -22.86 4.43 -3.75
CA MET B 183 -23.43 3.88 -2.52
C MET B 183 -24.90 4.22 -2.32
ZN ZN C . -9.79 -0.06 -3.55
C GIP D . 11.96 -10.90 -0.20
OT1 GIP D . 11.61 -11.41 -1.30
OT2 GIP D . 11.13 -10.47 0.63
N GIP D . 14.27 -11.91 -0.45
CA GIP D . 13.48 -10.81 0.16
CB GIP D . 14.07 -9.45 -0.30
CB2 GIP D . 13.17 -5.66 4.61
SG2 GIP D . 13.73 -4.11 3.82
CG GIP D . 13.43 -8.24 0.48
CD GIP D . 13.85 -8.10 1.95
OE GIP D . 14.61 -8.94 2.46
N2 GIP D . 13.41 -7.06 2.64
CA2 GIP D . 13.83 -6.92 4.05
C2 GIP D . 13.50 -8.13 5.00
O2 GIP D . 12.43 -8.72 4.87
N3 GIP D . 14.42 -8.37 5.94
CA3 GIP D . 14.20 -9.45 6.96
C3 GIP D . 15.38 -9.40 7.95
O31 GIP D . 16.14 -8.41 7.90
O32 GIP D . 15.52 -10.35 8.74
NE2 GIP D . 12.17 -1.77 3.88
OF2 GIP D . 11.06 -1.09 3.89
CD2 GIP D . 12.19 -3.09 3.73
OZ1 GIP D . 11.17 -3.77 3.63
CG2 GIP D . 13.46 -1.07 3.95
CL1 GIP D . 14.22 -1.06 5.13
CL2 GIP D . 13.90 -0.46 2.78
CM1 GIP D . 15.46 -0.41 5.12
CM2 GIP D . 15.12 0.18 2.78
CZ GIP D . 15.85 0.19 3.96
I GIP D . 17.75 1.20 3.88
ZN ZN E . 9.64 -2.39 3.06
C GIP F . -13.12 -8.87 -3.39
OT1 GIP F . -12.85 -9.79 -2.57
OT2 GIP F . -12.21 -8.25 -3.99
N GIP F . -15.57 -9.58 -3.41
CA GIP F . -14.61 -8.47 -3.65
CB GIP F . -15.05 -7.29 -2.72
CB2 GIP F . -13.64 -2.17 -6.05
SG2 GIP F . -14.03 -0.91 -4.77
CG GIP F . -14.29 -5.94 -3.01
CD GIP F . -14.64 -5.27 -4.34
OE GIP F . -15.46 -5.77 -5.11
N2 GIP F . -14.03 -4.11 -4.63
CA2 GIP F . -14.46 -3.45 -5.91
C2 GIP F . -14.23 -4.34 -7.20
O2 GIP F . -13.22 -5.06 -7.33
N3 GIP F . -15.14 -4.11 -8.16
CA3 GIP F . -15.02 -4.73 -9.51
C3 GIP F . -16.21 -4.23 -10.38
O31 GIP F . -16.85 -3.25 -9.96
O32 GIP F . -16.47 -4.87 -11.42
NE2 GIP F . -12.21 1.10 -4.01
OF2 GIP F . -11.02 1.55 -3.84
CD2 GIP F . -12.41 -0.18 -4.34
OZ1 GIP F . -11.47 -0.96 -4.49
CG2 GIP F . -13.41 1.93 -3.81
CL1 GIP F . -14.12 2.44 -4.90
CL2 GIP F . -13.83 2.12 -2.50
CM1 GIP F . -15.28 3.18 -4.65
CM2 GIP F . -14.98 2.88 -2.26
CZ GIP F . -15.66 3.37 -3.33
I GIP F . -17.44 4.54 -3.02
#